data_2B2A
#
_entry.id   2B2A
#
_cell.length_a   111.100
_cell.length_b   111.100
_cell.length_c   42.160
_cell.angle_alpha   90.00
_cell.angle_beta   90.00
_cell.angle_gamma   120.00
#
_symmetry.space_group_name_H-M   'P 31'
#
loop_
_entity.id
_entity.type
_entity.pdbx_description
1 polymer 'Telomerase reverse transcriptase'
2 water water
#
_entity_poly.entity_id   1
_entity_poly.type   'polypeptide(L)'
_entity_poly.pdbx_seq_one_letter_code
;MKKHHHHHHQKINNINNNKQMLTRKEDLLTVLKQISALKYVSNLYEFLLATEKIVQTSELDTQFQEFLTTTIIASEQNLV
ENYKQKYNQPNFSQMTIKQVIDDSIILLGNKQNYVQQIGTTTIGFYVEYENINLSRQTLYSSNFRNLLNIFGEEDFKYFL
IDFLVFTKVEQNGYLQVAGVCLNQYFSVQVKQKKWYKNN
;
_entity_poly.pdbx_strand_id   A,B,C
#
# COMPACT_ATOMS: atom_id res chain seq x y z
N MET A 21 -0.86 -7.91 2.11
CA MET A 21 -0.71 -7.03 3.30
C MET A 21 -1.84 -5.99 3.35
N LEU A 22 -1.63 -4.89 4.07
CA LEU A 22 -2.65 -3.85 4.19
C LEU A 22 -3.04 -3.22 2.85
N THR A 23 -4.33 -2.94 2.71
CA THR A 23 -4.84 -2.34 1.48
C THR A 23 -5.69 -1.11 1.77
N ARG A 24 -5.70 -0.16 0.83
CA ARG A 24 -6.50 1.05 0.97
C ARG A 24 -7.94 0.67 0.64
N LYS A 25 -8.89 1.30 1.30
CA LYS A 25 -10.29 1.00 1.09
C LYS A 25 -10.73 1.07 -0.37
N GLU A 26 -10.43 2.18 -1.04
CA GLU A 26 -10.85 2.32 -2.43
C GLU A 26 -10.22 1.27 -3.33
N ASP A 27 -9.04 0.78 -2.97
CA ASP A 27 -8.39 -0.25 -3.77
C ASP A 27 -9.10 -1.59 -3.54
N LEU A 28 -9.43 -1.87 -2.29
CA LEU A 28 -10.14 -3.12 -1.97
C LEU A 28 -11.46 -3.14 -2.72
N LEU A 29 -12.22 -2.06 -2.59
CA LEU A 29 -13.51 -1.94 -3.25
C LEU A 29 -13.46 -2.08 -4.77
N THR A 30 -12.48 -1.45 -5.42
CA THR A 30 -12.41 -1.56 -6.87
C THR A 30 -12.09 -3.00 -7.27
N VAL A 31 -11.19 -3.63 -6.53
CA VAL A 31 -10.86 -5.02 -6.80
C VAL A 31 -12.10 -5.90 -6.60
N LEU A 32 -12.85 -5.63 -5.53
CA LEU A 32 -14.05 -6.42 -5.25
C LEU A 32 -15.17 -6.26 -6.28
N LYS A 33 -15.43 -5.04 -6.75
CA LYS A 33 -16.49 -4.87 -7.74
C LYS A 33 -16.11 -5.50 -9.09
N GLN A 34 -14.82 -5.67 -9.33
CA GLN A 34 -14.33 -6.28 -10.57
C GLN A 34 -14.44 -7.81 -10.61
N ILE A 35 -14.48 -8.44 -9.44
CA ILE A 35 -14.57 -9.89 -9.38
C ILE A 35 -16.02 -10.37 -9.53
N SER A 36 -16.35 -10.81 -10.74
CA SER A 36 -17.71 -11.28 -11.03
C SER A 36 -18.14 -12.51 -10.21
N ALA A 37 -17.19 -13.29 -9.73
CA ALA A 37 -17.53 -14.46 -8.92
C ALA A 37 -18.09 -14.06 -7.55
N LEU A 38 -17.76 -12.84 -7.10
CA LEU A 38 -18.23 -12.33 -5.82
C LEU A 38 -19.39 -11.38 -6.05
N LYS A 39 -20.61 -11.92 -6.14
CA LYS A 39 -21.80 -11.11 -6.39
C LYS A 39 -22.28 -10.25 -5.21
N TYR A 40 -21.87 -10.60 -4.00
CA TYR A 40 -22.30 -9.88 -2.83
C TYR A 40 -21.18 -9.21 -2.07
N VAL A 41 -21.32 -7.89 -1.89
CA VAL A 41 -20.34 -7.11 -1.16
C VAL A 41 -21.11 -6.08 -0.34
N SER A 42 -20.83 -6.02 0.96
CA SER A 42 -21.51 -5.09 1.85
C SER A 42 -20.65 -4.82 3.08
N ASN A 43 -21.02 -3.82 3.88
CA ASN A 43 -20.27 -3.62 5.11
C ASN A 43 -21.04 -4.53 6.08
N LEU A 44 -20.41 -4.90 7.18
CA LEU A 44 -21.03 -5.82 8.12
C LEU A 44 -22.33 -5.33 8.76
N TYR A 45 -22.36 -4.06 9.12
CA TYR A 45 -23.54 -3.48 9.73
C TYR A 45 -24.81 -3.74 8.92
N GLU A 46 -24.76 -3.47 7.62
CA GLU A 46 -25.92 -3.66 6.76
C GLU A 46 -26.33 -5.11 6.64
N PHE A 47 -25.36 -6.00 6.66
CA PHE A 47 -25.64 -7.43 6.56
C PHE A 47 -26.38 -7.89 7.83
N LEU A 48 -25.89 -7.45 8.98
CA LEU A 48 -26.52 -7.82 10.25
C LEU A 48 -27.96 -7.30 10.32
N LEU A 49 -28.19 -6.16 9.67
CA LEU A 49 -29.51 -5.56 9.65
C LEU A 49 -30.43 -6.38 8.75
N ALA A 50 -29.96 -6.66 7.53
CA ALA A 50 -30.72 -7.43 6.57
C ALA A 50 -31.09 -8.81 7.10
N THR A 51 -30.18 -9.42 7.84
CA THR A 51 -30.40 -10.74 8.41
C THR A 51 -31.19 -10.63 9.71
N GLU A 52 -31.44 -9.40 10.13
CA GLU A 52 -32.18 -9.13 11.36
C GLU A 52 -31.49 -9.66 12.61
N LYS A 53 -30.16 -9.70 12.59
CA LYS A 53 -29.40 -10.14 13.76
C LYS A 53 -29.46 -8.97 14.76
N ILE A 54 -29.58 -7.76 14.20
CA ILE A 54 -29.68 -6.55 15.02
C ILE A 54 -30.75 -5.70 14.35
N VAL A 55 -31.15 -4.61 15.01
CA VAL A 55 -32.12 -3.69 14.46
C VAL A 55 -31.60 -2.29 14.69
N GLN A 56 -32.19 -1.32 13.99
CA GLN A 56 -31.80 0.08 14.10
C GLN A 56 -31.59 0.54 15.56
N THR A 57 -32.49 0.14 16.44
CA THR A 57 -32.39 0.57 17.83
C THR A 57 -31.52 -0.28 18.76
N SER A 58 -30.87 -1.30 18.22
CA SER A 58 -30.02 -2.15 19.08
C SER A 58 -28.94 -1.33 19.79
N GLU A 59 -28.73 -1.64 21.06
CA GLU A 59 -27.72 -0.96 21.87
C GLU A 59 -26.32 -1.36 21.40
N LEU A 60 -25.61 -0.42 20.80
CA LEU A 60 -24.27 -0.71 20.32
C LEU A 60 -23.25 0.35 20.71
N ASP A 61 -22.14 -0.12 21.29
CA ASP A 61 -21.04 0.73 21.69
C ASP A 61 -20.55 1.44 20.41
N THR A 62 -20.00 2.65 20.54
CA THR A 62 -19.50 3.38 19.38
C THR A 62 -18.32 2.69 18.70
N GLN A 63 -17.48 2.02 19.48
CA GLN A 63 -16.34 1.32 18.90
C GLN A 63 -16.84 0.17 18.04
N PHE A 64 -17.71 -0.64 18.62
CA PHE A 64 -18.27 -1.79 17.94
C PHE A 64 -19.10 -1.37 16.72
N GLN A 65 -19.83 -0.27 16.85
CA GLN A 65 -20.66 0.23 15.77
C GLN A 65 -19.77 0.70 14.62
N GLU A 66 -18.62 1.27 14.97
CA GLU A 66 -17.68 1.76 13.95
C GLU A 66 -17.02 0.54 13.30
N PHE A 67 -16.90 -0.54 14.06
CA PHE A 67 -16.31 -1.75 13.57
C PHE A 67 -17.28 -2.39 12.53
N LEU A 68 -18.57 -2.38 12.85
CA LEU A 68 -19.57 -2.96 11.95
C LEU A 68 -19.68 -2.22 10.61
N THR A 69 -19.67 -0.89 10.66
CA THR A 69 -19.78 -0.11 9.43
C THR A 69 -18.51 -0.08 8.59
N THR A 70 -17.33 -0.19 9.21
CA THR A 70 -16.08 -0.18 8.44
C THR A 70 -15.66 -1.56 7.92
N THR A 71 -16.13 -2.61 8.57
CA THR A 71 -15.80 -3.97 8.14
C THR A 71 -16.53 -4.32 6.85
N ILE A 72 -15.78 -4.79 5.86
CA ILE A 72 -16.34 -5.14 4.58
C ILE A 72 -16.33 -6.65 4.40
N ILE A 73 -17.44 -7.18 3.89
CA ILE A 73 -17.57 -8.60 3.68
C ILE A 73 -18.05 -8.87 2.26
N ALA A 74 -17.67 -10.03 1.74
CA ALA A 74 -18.05 -10.43 0.39
C ALA A 74 -18.24 -11.93 0.33
N SER A 75 -19.20 -12.35 -0.48
CA SER A 75 -19.50 -13.76 -0.67
C SER A 75 -19.87 -13.97 -2.14
N GLU A 76 -19.81 -15.20 -2.61
CA GLU A 76 -20.14 -15.49 -4.00
C GLU A 76 -21.62 -15.28 -4.30
N GLN A 77 -22.47 -15.64 -3.35
CA GLN A 77 -23.91 -15.50 -3.50
C GLN A 77 -24.48 -14.68 -2.35
N ASN A 78 -25.73 -14.26 -2.48
CA ASN A 78 -26.40 -13.50 -1.43
C ASN A 78 -26.91 -14.55 -0.44
N LEU A 79 -26.37 -14.54 0.76
CA LEU A 79 -26.72 -15.52 1.77
C LEU A 79 -27.57 -14.97 2.91
N VAL A 80 -28.16 -13.79 2.70
CA VAL A 80 -28.96 -13.19 3.74
C VAL A 80 -30.01 -14.15 4.31
N GLU A 81 -30.82 -14.76 3.44
CA GLU A 81 -31.84 -15.70 3.89
C GLU A 81 -31.25 -16.84 4.70
N ASN A 82 -30.04 -17.25 4.34
CA ASN A 82 -29.36 -18.34 5.03
C ASN A 82 -28.99 -17.94 6.46
N TYR A 83 -28.72 -16.65 6.67
CA TYR A 83 -28.34 -16.18 8.00
C TYR A 83 -29.45 -15.49 8.78
N LYS A 84 -30.68 -15.54 8.27
CA LYS A 84 -31.81 -14.91 8.94
C LYS A 84 -31.94 -15.39 10.39
N GLN A 85 -32.10 -14.43 11.30
CA GLN A 85 -32.26 -14.76 12.72
C GLN A 85 -31.17 -15.73 13.17
N MET A 95 -18.71 -21.73 25.21
CA MET A 95 -17.83 -21.79 24.05
C MET A 95 -16.93 -20.55 23.92
N THR A 96 -15.63 -20.80 23.84
CA THR A 96 -14.66 -19.73 23.70
C THR A 96 -14.48 -19.37 22.23
N ILE A 97 -14.13 -18.12 21.96
CA ILE A 97 -13.91 -17.67 20.59
C ILE A 97 -12.84 -18.56 19.94
N LYS A 98 -11.84 -18.94 20.73
CA LYS A 98 -10.76 -19.81 20.24
C LYS A 98 -11.34 -21.13 19.76
N GLN A 99 -12.19 -21.73 20.58
CA GLN A 99 -12.82 -23.00 20.26
C GLN A 99 -13.70 -22.94 19.02
N VAL A 100 -14.50 -21.88 18.92
CA VAL A 100 -15.40 -21.71 17.78
C VAL A 100 -14.60 -21.59 16.50
N ILE A 101 -13.49 -20.86 16.57
CA ILE A 101 -12.63 -20.65 15.41
C ILE A 101 -11.99 -21.98 15.00
N ASP A 102 -11.52 -22.75 15.97
CA ASP A 102 -10.91 -24.04 15.68
C ASP A 102 -11.92 -24.91 14.95
N ASP A 103 -13.16 -24.97 15.48
CA ASP A 103 -14.20 -25.78 14.85
C ASP A 103 -14.47 -25.30 13.45
N SER A 104 -14.47 -23.98 13.28
CA SER A 104 -14.70 -23.42 11.96
C SER A 104 -13.64 -23.93 10.99
N ILE A 105 -12.38 -23.92 11.43
CA ILE A 105 -11.28 -24.37 10.59
C ILE A 105 -11.39 -25.86 10.27
N ILE A 106 -11.87 -26.64 11.23
CA ILE A 106 -12.05 -28.07 11.03
C ILE A 106 -13.12 -28.30 9.96
N LEU A 107 -14.15 -27.47 9.95
CA LEU A 107 -15.21 -27.60 8.96
C LEU A 107 -14.68 -27.38 7.54
N LEU A 108 -13.55 -26.71 7.41
CA LEU A 108 -12.98 -26.46 6.08
C LEU A 108 -12.60 -27.74 5.36
N GLY A 109 -12.41 -28.82 6.13
CA GLY A 109 -12.04 -30.08 5.53
C GLY A 109 -10.69 -30.04 4.85
N ASN A 110 -10.63 -30.48 3.60
CA ASN A 110 -9.36 -30.45 2.90
C ASN A 110 -9.18 -29.20 2.09
N LYS A 111 -10.22 -28.39 2.00
CA LYS A 111 -10.15 -27.13 1.28
C LYS A 111 -8.94 -26.34 1.79
N GLN A 112 -8.44 -25.44 0.94
CA GLN A 112 -7.28 -24.64 1.32
C GLN A 112 -7.42 -23.20 0.85
N ASN A 113 -6.47 -22.38 1.26
CA ASN A 113 -6.41 -20.98 0.88
C ASN A 113 -7.32 -20.02 1.64
N TYR A 114 -7.68 -20.37 2.87
CA TYR A 114 -8.49 -19.49 3.69
C TYR A 114 -7.52 -18.76 4.62
N VAL A 115 -7.77 -17.46 4.83
CA VAL A 115 -6.90 -16.66 5.68
C VAL A 115 -6.69 -17.28 7.06
N GLN A 116 -7.76 -17.79 7.65
CA GLN A 116 -7.68 -18.41 8.98
C GLN A 116 -6.80 -19.67 9.03
N GLN A 117 -6.47 -20.25 7.88
CA GLN A 117 -5.63 -21.45 7.86
C GLN A 117 -4.14 -21.15 7.84
N ILE A 118 -3.77 -19.93 7.44
CA ILE A 118 -2.37 -19.54 7.35
C ILE A 118 -1.57 -19.84 8.61
N GLY A 119 -0.44 -20.54 8.43
CA GLY A 119 0.43 -20.90 9.54
C GLY A 119 -0.31 -21.84 10.48
N THR A 120 -1.11 -22.73 9.90
CA THR A 120 -1.91 -23.66 10.65
C THR A 120 -1.81 -25.09 10.11
N THR A 121 -1.88 -26.06 11.01
CA THR A 121 -1.83 -27.47 10.63
C THR A 121 -3.01 -28.13 11.31
N THR A 122 -3.83 -28.82 10.53
CA THR A 122 -4.99 -29.49 11.08
C THR A 122 -4.90 -31.00 11.02
N ILE A 123 -5.13 -31.63 12.16
CA ILE A 123 -5.09 -33.09 12.29
C ILE A 123 -6.33 -33.52 13.06
N GLY A 124 -7.31 -34.08 12.36
CA GLY A 124 -8.53 -34.48 13.02
C GLY A 124 -9.19 -33.26 13.65
N PHE A 125 -9.56 -33.37 14.91
CA PHE A 125 -10.21 -32.26 15.62
C PHE A 125 -9.23 -31.29 16.23
N TYR A 126 -7.95 -31.40 15.88
CA TYR A 126 -6.98 -30.49 16.46
C TYR A 126 -6.37 -29.53 15.44
N VAL A 127 -6.09 -28.31 15.89
CA VAL A 127 -5.47 -27.27 15.08
C VAL A 127 -4.31 -26.71 15.88
N GLU A 128 -3.13 -26.67 15.29
CA GLU A 128 -1.97 -26.14 15.99
C GLU A 128 -1.25 -25.08 15.18
N TYR A 129 -0.41 -24.29 15.85
CA TYR A 129 0.32 -23.22 15.18
C TYR A 129 1.34 -22.56 16.10
N ARG A 136 -5.89 -16.26 15.21
CA ARG A 136 -5.87 -14.91 14.65
C ARG A 136 -6.01 -13.82 15.71
N GLN A 137 -5.09 -12.86 15.65
CA GLN A 137 -5.06 -11.74 16.58
C GLN A 137 -6.33 -10.89 16.53
N THR A 138 -6.79 -10.60 15.32
CA THR A 138 -7.98 -9.79 15.17
C THR A 138 -9.25 -10.56 15.58
N LEU A 139 -9.30 -11.84 15.22
CA LEU A 139 -10.46 -12.67 15.51
C LEU A 139 -10.67 -12.93 17.00
N TYR A 140 -9.65 -12.65 17.81
CA TYR A 140 -9.74 -12.85 19.25
C TYR A 140 -10.19 -11.58 19.99
N SER A 141 -10.24 -10.46 19.27
CA SER A 141 -10.64 -9.18 19.85
C SER A 141 -12.07 -9.14 20.38
N SER A 142 -12.36 -8.12 21.19
CA SER A 142 -13.69 -7.97 21.75
C SER A 142 -14.70 -7.75 20.65
N ASN A 143 -14.29 -7.06 19.58
CA ASN A 143 -15.18 -6.82 18.46
C ASN A 143 -15.69 -8.14 17.90
N PHE A 144 -14.79 -9.07 17.63
CA PHE A 144 -15.23 -10.35 17.08
C PHE A 144 -15.96 -11.20 18.11
N ARG A 145 -15.62 -11.03 19.38
CA ARG A 145 -16.29 -11.81 20.41
C ARG A 145 -17.74 -11.32 20.50
N ASN A 146 -17.94 -10.00 20.39
CA ASN A 146 -19.28 -9.45 20.41
C ASN A 146 -19.99 -9.96 19.15
N LEU A 147 -19.26 -10.03 18.05
CA LEU A 147 -19.83 -10.52 16.80
C LEU A 147 -20.26 -11.98 16.98
N LEU A 148 -19.46 -12.77 17.68
CA LEU A 148 -19.80 -14.16 17.92
C LEU A 148 -21.11 -14.29 18.70
N ASN A 149 -21.29 -13.47 19.74
CA ASN A 149 -22.51 -13.53 20.55
C ASN A 149 -23.74 -13.08 19.77
N ILE A 150 -23.57 -12.18 18.79
CA ILE A 150 -24.70 -11.72 18.00
C ILE A 150 -25.09 -12.74 16.92
N PHE A 151 -24.09 -13.39 16.32
CA PHE A 151 -24.32 -14.39 15.28
C PHE A 151 -24.82 -15.71 15.86
N GLY A 152 -24.27 -16.09 17.00
CA GLY A 152 -24.62 -17.37 17.58
C GLY A 152 -23.50 -18.28 17.10
N GLU A 153 -23.15 -19.28 17.91
CA GLU A 153 -22.08 -20.21 17.60
C GLU A 153 -22.06 -20.79 16.17
N GLU A 154 -23.15 -21.44 15.77
CA GLU A 154 -23.24 -22.07 14.46
C GLU A 154 -23.05 -21.10 13.29
N ASP A 155 -23.81 -20.01 13.26
CA ASP A 155 -23.69 -19.05 12.16
C ASP A 155 -22.32 -18.40 12.09
N PHE A 156 -21.71 -18.15 13.25
CA PHE A 156 -20.39 -17.54 13.27
C PHE A 156 -19.40 -18.47 12.57
N LYS A 157 -19.44 -19.75 12.93
CA LYS A 157 -18.53 -20.71 12.31
C LYS A 157 -18.63 -20.69 10.79
N TYR A 158 -19.85 -20.67 10.26
CA TYR A 158 -20.02 -20.66 8.83
C TYR A 158 -19.70 -19.31 8.20
N PHE A 159 -19.91 -18.25 8.98
CA PHE A 159 -19.63 -16.89 8.54
C PHE A 159 -18.19 -16.75 8.07
N LEU A 160 -17.25 -17.28 8.87
CA LEU A 160 -15.83 -17.21 8.55
C LEU A 160 -15.48 -18.01 7.30
N ILE A 161 -16.39 -18.89 6.88
CA ILE A 161 -16.17 -19.69 5.69
C ILE A 161 -16.84 -19.09 4.45
N ASP A 162 -18.10 -18.70 4.59
CA ASP A 162 -18.87 -18.13 3.48
C ASP A 162 -18.47 -16.72 3.06
N PHE A 163 -17.78 -16.00 3.93
CA PHE A 163 -17.40 -14.63 3.62
C PHE A 163 -15.92 -14.25 3.66
N LEU A 164 -15.56 -13.33 2.78
CA LEU A 164 -14.21 -12.77 2.80
C LEU A 164 -14.48 -11.59 3.72
N VAL A 165 -13.71 -11.48 4.80
CA VAL A 165 -13.92 -10.42 5.78
C VAL A 165 -12.72 -9.50 5.87
N PHE A 166 -12.96 -8.22 5.62
CA PHE A 166 -11.91 -7.22 5.63
C PHE A 166 -12.17 -6.22 6.75
N THR A 167 -11.19 -6.07 7.64
CA THR A 167 -11.31 -5.16 8.76
C THR A 167 -10.34 -3.99 8.67
N LYS A 168 -10.79 -2.84 9.14
CA LYS A 168 -9.95 -1.65 9.13
C LYS A 168 -9.00 -1.70 10.31
N VAL A 169 -7.70 -1.83 10.02
CA VAL A 169 -6.70 -1.92 11.06
C VAL A 169 -6.19 -0.53 11.47
N GLU A 170 -6.09 0.36 10.50
CA GLU A 170 -5.63 1.71 10.75
C GLU A 170 -6.30 2.64 9.75
N GLN A 171 -6.01 3.94 9.86
CA GLN A 171 -6.58 4.92 8.94
C GLN A 171 -6.41 4.42 7.50
N ASN A 172 -7.53 4.10 6.87
CA ASN A 172 -7.54 3.61 5.50
C ASN A 172 -6.55 2.46 5.30
N GLY A 173 -6.60 1.49 6.21
CA GLY A 173 -5.73 0.33 6.11
C GLY A 173 -6.55 -0.93 6.39
N TYR A 174 -6.87 -1.68 5.34
CA TYR A 174 -7.65 -2.90 5.49
C TYR A 174 -6.84 -4.19 5.39
N LEU A 175 -7.31 -5.18 6.13
CA LEU A 175 -6.69 -6.49 6.17
C LEU A 175 -7.78 -7.57 6.10
N GLN A 176 -7.55 -8.62 5.32
CA GLN A 176 -8.53 -9.69 5.25
C GLN A 176 -8.24 -10.56 6.47
N VAL A 177 -9.27 -10.88 7.25
CA VAL A 177 -9.09 -11.69 8.44
C VAL A 177 -9.79 -13.04 8.38
N ALA A 178 -10.63 -13.25 7.37
CA ALA A 178 -11.30 -14.53 7.21
C ALA A 178 -11.78 -14.75 5.79
N GLY A 179 -12.08 -16.01 5.47
CA GLY A 179 -12.56 -16.37 4.15
C GLY A 179 -11.48 -16.75 3.17
N VAL A 180 -11.89 -17.13 1.96
CA VAL A 180 -10.95 -17.50 0.90
C VAL A 180 -10.06 -16.29 0.58
N CYS A 181 -8.75 -16.49 0.59
CA CYS A 181 -7.82 -15.41 0.27
C CYS A 181 -8.27 -14.67 -0.99
N LEU A 182 -8.35 -13.36 -0.91
CA LEU A 182 -8.80 -12.55 -2.05
C LEU A 182 -8.01 -12.87 -3.32
N ASN A 183 -6.69 -13.03 -3.18
CA ASN A 183 -5.81 -13.33 -4.31
C ASN A 183 -6.31 -14.51 -5.14
N GLN A 184 -6.96 -15.48 -4.49
CA GLN A 184 -7.50 -16.65 -5.19
C GLN A 184 -8.52 -16.23 -6.24
N TYR A 185 -9.25 -15.15 -5.96
CA TYR A 185 -10.25 -14.68 -6.90
C TYR A 185 -9.65 -13.75 -7.93
N PHE A 186 -8.84 -12.80 -7.49
CA PHE A 186 -8.29 -11.90 -8.49
C PHE A 186 -7.62 -12.74 -9.57
N SER A 187 -6.82 -13.72 -9.14
CA SER A 187 -6.13 -14.62 -10.05
C SER A 187 -7.04 -15.25 -11.10
N VAL A 188 -8.25 -15.65 -10.72
CA VAL A 188 -9.18 -16.25 -11.67
C VAL A 188 -9.80 -15.19 -12.58
N GLN A 189 -10.23 -14.08 -11.98
CA GLN A 189 -10.83 -12.99 -12.72
C GLN A 189 -9.84 -12.47 -13.77
N VAL A 190 -8.64 -12.12 -13.29
CA VAL A 190 -7.57 -11.63 -14.15
C VAL A 190 -6.49 -12.69 -14.22
N LYS A 191 -6.59 -13.58 -15.20
CA LYS A 191 -5.61 -14.66 -15.36
C LYS A 191 -4.40 -14.19 -16.15
N GLN A 192 -3.24 -14.12 -15.51
CA GLN A 192 -2.04 -13.73 -16.21
C GLN A 192 -0.93 -14.71 -15.85
N LYS A 193 -0.27 -15.22 -16.87
CA LYS A 193 0.81 -16.18 -16.69
C LYS A 193 1.96 -15.57 -15.92
N LYS A 194 2.69 -14.66 -16.57
CA LYS A 194 3.83 -14.00 -15.95
C LYS A 194 3.72 -12.48 -15.82
N TRP A 195 4.50 -11.95 -14.89
CA TRP A 195 4.57 -10.51 -14.63
C TRP A 195 5.81 -10.28 -13.78
N TYR A 196 6.30 -9.06 -13.76
CA TYR A 196 7.47 -8.73 -12.95
C TYR A 196 6.98 -8.34 -11.57
N LYS A 197 5.73 -7.86 -11.53
CA LYS A 197 5.13 -7.47 -10.29
C LYS A 197 3.69 -7.03 -10.47
N ASN A 198 2.83 -7.43 -9.53
CA ASN A 198 1.45 -6.96 -9.54
C ASN A 198 0.80 -7.11 -8.18
N ASN A 199 1.02 -6.08 -7.37
CA ASN A 199 0.50 -5.99 -6.01
C ASN A 199 -0.90 -5.39 -6.01
N LEU B 22 19.09 5.97 -22.54
CA LEU B 22 19.04 4.49 -22.65
C LEU B 22 19.45 3.80 -21.35
N THR B 23 18.67 2.81 -20.96
CA THR B 23 18.91 2.10 -19.72
C THR B 23 19.02 0.60 -19.95
N ARG B 24 19.81 -0.06 -19.11
CA ARG B 24 19.99 -1.51 -19.20
C ARG B 24 18.74 -2.14 -18.59
N LYS B 25 18.35 -3.28 -19.13
CA LYS B 25 17.16 -3.97 -18.66
C LYS B 25 17.14 -4.21 -17.16
N GLU B 26 18.20 -4.82 -16.63
CA GLU B 26 18.24 -5.12 -15.20
C GLU B 26 18.19 -3.86 -14.34
N ASP B 27 18.67 -2.75 -14.88
CA ASP B 27 18.61 -1.51 -14.12
C ASP B 27 17.17 -0.97 -14.10
N LEU B 28 16.50 -1.05 -15.26
CA LEU B 28 15.13 -0.59 -15.37
C LEU B 28 14.27 -1.40 -14.40
N LEU B 29 14.41 -2.72 -14.48
CA LEU B 29 13.63 -3.61 -13.62
C LEU B 29 13.86 -3.39 -12.12
N THR B 30 15.11 -3.20 -11.70
CA THR B 30 15.34 -3.00 -10.27
C THR B 30 14.70 -1.69 -9.84
N VAL B 31 14.83 -0.65 -10.67
CA VAL B 31 14.22 0.64 -10.36
C VAL B 31 12.69 0.47 -10.27
N LEU B 32 12.12 -0.29 -11.21
CA LEU B 32 10.68 -0.50 -11.22
C LEU B 32 10.14 -1.30 -10.03
N LYS B 33 10.86 -2.33 -9.59
CA LYS B 33 10.35 -3.10 -8.46
C LYS B 33 10.44 -2.31 -7.16
N GLN B 34 11.34 -1.32 -7.13
CA GLN B 34 11.53 -0.47 -5.96
C GLN B 34 10.44 0.59 -5.78
N ILE B 35 9.80 0.98 -6.87
CA ILE B 35 8.76 2.01 -6.82
C ILE B 35 7.42 1.44 -6.38
N SER B 36 7.10 1.63 -5.10
CA SER B 36 5.85 1.10 -4.55
C SER B 36 4.59 1.68 -5.20
N ALA B 37 4.70 2.87 -5.78
CA ALA B 37 3.53 3.49 -6.42
C ALA B 37 3.14 2.74 -7.70
N LEU B 38 4.10 2.03 -8.27
CA LEU B 38 3.86 1.25 -9.49
C LEU B 38 3.66 -0.23 -9.13
N LYS B 39 2.44 -0.59 -8.79
CA LYS B 39 2.12 -1.97 -8.40
C LYS B 39 2.11 -3.00 -9.54
N TYR B 40 1.95 -2.53 -10.77
CA TYR B 40 1.90 -3.44 -11.91
C TYR B 40 3.04 -3.25 -12.91
N VAL B 41 3.77 -4.32 -13.14
CA VAL B 41 4.88 -4.32 -14.09
C VAL B 41 4.85 -5.66 -14.84
N SER B 42 4.88 -5.60 -16.18
CA SER B 42 4.80 -6.80 -17.01
C SER B 42 5.37 -6.51 -18.37
N ASN B 43 5.62 -7.54 -19.18
CA ASN B 43 6.08 -7.27 -20.53
C ASN B 43 4.75 -7.13 -21.26
N LEU B 44 4.77 -6.53 -22.45
CA LEU B 44 3.55 -6.28 -23.18
C LEU B 44 2.79 -7.52 -23.62
N TYR B 45 3.54 -8.54 -24.06
CA TYR B 45 2.93 -9.79 -24.50
C TYR B 45 1.98 -10.37 -23.46
N GLU B 46 2.44 -10.48 -22.22
CA GLU B 46 1.60 -11.04 -21.16
C GLU B 46 0.38 -10.20 -20.85
N PHE B 47 0.53 -8.89 -20.96
CA PHE B 47 -0.61 -8.00 -20.72
C PHE B 47 -1.68 -8.23 -21.80
N LEU B 48 -1.25 -8.29 -23.06
CA LEU B 48 -2.19 -8.49 -24.16
C LEU B 48 -2.92 -9.82 -24.03
N LEU B 49 -2.23 -10.80 -23.44
CA LEU B 49 -2.78 -12.13 -23.23
C LEU B 49 -3.85 -12.06 -22.13
N ALA B 50 -3.48 -11.48 -20.99
CA ALA B 50 -4.37 -11.33 -19.85
C ALA B 50 -5.62 -10.56 -20.21
N THR B 51 -5.47 -9.56 -21.07
CA THR B 51 -6.59 -8.76 -21.48
C THR B 51 -7.35 -9.42 -22.62
N GLU B 52 -6.81 -10.54 -23.09
CA GLU B 52 -7.40 -11.30 -24.18
C GLU B 52 -7.48 -10.50 -25.48
N LYS B 53 -6.52 -9.62 -25.69
CA LYS B 53 -6.46 -8.86 -26.93
C LYS B 53 -5.91 -9.83 -27.99
N ILE B 54 -5.11 -10.79 -27.53
CA ILE B 54 -4.53 -11.81 -28.39
C ILE B 54 -4.63 -13.11 -27.61
N VAL B 55 -4.34 -14.22 -28.28
CA VAL B 55 -4.35 -15.52 -27.62
C VAL B 55 -3.09 -16.25 -28.03
N GLN B 56 -2.77 -17.32 -27.32
CA GLN B 56 -1.59 -18.12 -27.62
C GLN B 56 -1.40 -18.42 -29.11
N THR B 57 -2.47 -18.76 -29.80
CA THR B 57 -2.38 -19.11 -31.22
C THR B 57 -2.47 -17.96 -32.22
N SER B 58 -2.56 -16.73 -31.74
CA SER B 58 -2.64 -15.59 -32.66
C SER B 58 -1.45 -15.55 -33.60
N GLU B 59 -1.71 -15.23 -34.87
CA GLU B 59 -0.67 -15.14 -35.89
C GLU B 59 0.17 -13.88 -35.64
N LEU B 60 1.43 -14.09 -35.25
CA LEU B 60 2.31 -12.96 -34.98
C LEU B 60 3.67 -13.10 -35.62
N ASP B 61 4.07 -12.07 -36.33
CA ASP B 61 5.38 -12.00 -37.00
C ASP B 61 6.43 -12.13 -35.89
N THR B 62 7.59 -12.70 -36.21
CA THR B 62 8.65 -12.86 -35.21
C THR B 62 9.17 -11.53 -34.68
N GLN B 63 9.24 -10.52 -35.54
CA GLN B 63 9.71 -9.21 -35.12
C GLN B 63 8.75 -8.62 -34.09
N PHE B 64 7.47 -8.61 -34.46
CA PHE B 64 6.43 -8.07 -33.60
C PHE B 64 6.33 -8.86 -32.30
N GLN B 65 6.46 -10.17 -32.40
CA GLN B 65 6.39 -11.03 -31.23
C GLN B 65 7.55 -10.75 -30.29
N GLU B 66 8.71 -10.45 -30.85
CA GLU B 66 9.90 -10.14 -30.06
C GLU B 66 9.71 -8.74 -29.45
N PHE B 67 8.95 -7.90 -30.14
CA PHE B 67 8.69 -6.56 -29.66
C PHE B 67 7.76 -6.65 -28.44
N LEU B 68 6.75 -7.51 -28.51
CA LEU B 68 5.82 -7.68 -27.41
C LEU B 68 6.45 -8.23 -26.14
N THR B 69 7.31 -9.25 -26.29
CA THR B 69 7.96 -9.84 -25.12
C THR B 69 9.08 -8.96 -24.52
N THR B 70 9.74 -8.13 -25.34
CA THR B 70 10.81 -7.31 -24.78
C THR B 70 10.32 -5.97 -24.23
N THR B 71 9.16 -5.51 -24.70
CA THR B 71 8.61 -4.25 -24.24
C THR B 71 8.07 -4.40 -22.82
N ILE B 72 8.49 -3.49 -21.96
CA ILE B 72 8.06 -3.51 -20.56
C ILE B 72 7.10 -2.37 -20.28
N ILE B 73 6.04 -2.66 -19.54
CA ILE B 73 5.07 -1.67 -19.20
C ILE B 73 4.79 -1.69 -17.72
N ALA B 74 4.43 -0.53 -17.18
CA ALA B 74 4.11 -0.42 -15.76
C ALA B 74 2.99 0.58 -15.56
N SER B 75 2.15 0.32 -14.57
CA SER B 75 1.03 1.19 -14.22
C SER B 75 0.90 1.18 -12.70
N GLU B 76 0.22 2.19 -12.16
CA GLU B 76 0.06 2.28 -10.71
C GLU B 76 -0.84 1.18 -10.18
N GLN B 77 -1.88 0.85 -10.95
CA GLN B 77 -2.83 -0.20 -10.56
C GLN B 77 -2.90 -1.27 -11.65
N ASN B 78 -3.52 -2.41 -11.33
CA ASN B 78 -3.71 -3.48 -12.30
C ASN B 78 -4.94 -3.07 -13.09
N LEU B 79 -4.75 -2.77 -14.37
CA LEU B 79 -5.84 -2.33 -15.23
C LEU B 79 -6.31 -3.38 -16.24
N VAL B 80 -5.94 -4.63 -16.04
CA VAL B 80 -6.33 -5.70 -16.96
C VAL B 80 -7.82 -5.69 -17.26
N GLU B 81 -8.66 -5.71 -16.23
CA GLU B 81 -10.10 -5.71 -16.42
C GLU B 81 -10.56 -4.51 -17.23
N ASN B 82 -9.89 -3.38 -17.06
CA ASN B 82 -10.23 -2.16 -17.77
C ASN B 82 -9.95 -2.29 -19.26
N TYR B 83 -8.94 -3.09 -19.61
CA TYR B 83 -8.60 -3.27 -21.01
C TYR B 83 -9.10 -4.56 -21.64
N LYS B 84 -9.92 -5.31 -20.92
CA LYS B 84 -10.47 -6.56 -21.43
C LYS B 84 -11.14 -6.37 -22.78
N GLN B 85 -10.81 -7.25 -23.73
CA GLN B 85 -11.40 -7.18 -25.06
C GLN B 85 -11.31 -5.77 -25.63
N MET B 95 -8.38 6.02 -39.19
CA MET B 95 -7.55 6.72 -38.21
C MET B 95 -6.06 6.38 -38.33
N THR B 96 -5.24 7.41 -38.47
CA THR B 96 -3.80 7.24 -38.58
C THR B 96 -3.17 7.20 -37.19
N ILE B 97 -2.05 6.50 -37.08
CA ILE B 97 -1.34 6.40 -35.80
C ILE B 97 -1.02 7.81 -35.31
N LYS B 98 -0.69 8.69 -36.24
CA LYS B 98 -0.35 10.08 -35.91
C LYS B 98 -1.56 10.75 -35.23
N GLN B 99 -2.73 10.59 -35.83
CA GLN B 99 -3.96 11.17 -35.32
C GLN B 99 -4.34 10.63 -33.95
N VAL B 100 -4.24 9.32 -33.79
CA VAL B 100 -4.58 8.68 -32.51
C VAL B 100 -3.68 9.20 -31.41
N ILE B 101 -2.39 9.37 -31.73
CA ILE B 101 -1.42 9.85 -30.75
C ILE B 101 -1.72 11.30 -30.37
N ASP B 102 -2.05 12.11 -31.37
CA ASP B 102 -2.38 13.50 -31.11
C ASP B 102 -3.57 13.56 -30.16
N ASP B 103 -4.61 12.76 -30.45
CA ASP B 103 -5.79 12.75 -29.59
C ASP B 103 -5.42 12.30 -28.20
N SER B 104 -4.53 11.33 -28.11
CA SER B 104 -4.11 10.83 -26.81
C SER B 104 -3.47 11.97 -26.02
N ILE B 105 -2.64 12.77 -26.67
CA ILE B 105 -1.96 13.88 -26.03
C ILE B 105 -2.96 14.95 -25.61
N ILE B 106 -4.00 15.14 -26.41
CA ILE B 106 -5.01 16.13 -26.08
C ILE B 106 -5.76 15.70 -24.82
N LEU B 107 -5.99 14.40 -24.68
CA LEU B 107 -6.67 13.87 -23.51
C LEU B 107 -5.88 14.16 -22.22
N LEU B 108 -4.58 14.40 -22.35
CA LEU B 108 -3.76 14.67 -21.17
C LEU B 108 -4.18 15.95 -20.45
N GLY B 109 -4.88 16.83 -21.16
CA GLY B 109 -5.33 18.07 -20.55
C GLY B 109 -4.19 18.98 -20.11
N LYS B 111 -2.51 18.26 -17.52
CA LYS B 111 -1.48 17.42 -16.91
C LYS B 111 -0.16 17.58 -17.67
N GLN B 112 0.94 17.31 -16.98
CA GLN B 112 2.25 17.44 -17.60
C GLN B 112 3.18 16.31 -17.19
N ASN B 113 4.36 16.29 -17.81
CA ASN B 113 5.39 15.32 -17.52
C ASN B 113 5.23 13.93 -18.15
N TYR B 114 4.53 13.85 -19.27
CA TYR B 114 4.38 12.59 -19.99
C TYR B 114 5.41 12.61 -21.11
N VAL B 115 6.05 11.47 -21.34
CA VAL B 115 7.07 11.36 -22.37
C VAL B 115 6.57 11.84 -23.73
N GLN B 116 5.34 11.48 -24.09
CA GLN B 116 4.77 11.89 -25.37
C GLN B 116 4.57 13.40 -25.52
N GLN B 117 4.61 14.13 -24.41
CA GLN B 117 4.44 15.59 -24.47
C GLN B 117 5.73 16.34 -24.75
N ILE B 118 6.86 15.72 -24.49
CA ILE B 118 8.16 16.36 -24.70
C ILE B 118 8.34 17.02 -26.07
N GLY B 119 8.73 18.29 -26.05
CA GLY B 119 8.92 19.04 -27.30
C GLY B 119 7.60 19.18 -28.02
N THR B 120 6.53 19.35 -27.25
CA THR B 120 5.19 19.46 -27.79
C THR B 120 4.41 20.63 -27.21
N THR B 121 3.58 21.25 -28.04
CA THR B 121 2.74 22.36 -27.60
C THR B 121 1.32 22.04 -28.02
N THR B 122 0.41 22.08 -27.06
CA THR B 122 -0.99 21.75 -27.34
C THR B 122 -1.91 22.95 -27.22
N ILE B 123 -2.69 23.18 -28.28
CA ILE B 123 -3.64 24.26 -28.33
C ILE B 123 -4.96 23.70 -28.84
N GLY B 124 -5.92 23.54 -27.94
CA GLY B 124 -7.19 22.98 -28.34
C GLY B 124 -7.00 21.58 -28.89
N PHE B 125 -7.54 21.32 -30.08
CA PHE B 125 -7.41 20.02 -30.71
C PHE B 125 -6.15 19.87 -31.54
N TYR B 126 -5.23 20.83 -31.42
CA TYR B 126 -4.01 20.74 -32.20
C TYR B 126 -2.76 20.52 -31.37
N VAL B 127 -1.83 19.76 -31.93
CA VAL B 127 -0.56 19.45 -31.31
C VAL B 127 0.53 19.73 -32.34
N GLU B 128 1.52 20.53 -31.98
CA GLU B 128 2.60 20.84 -32.92
C GLU B 128 3.96 20.58 -32.29
N TYR B 129 4.99 20.49 -33.14
CA TYR B 129 6.34 20.24 -32.67
C TYR B 129 7.38 20.34 -33.80
N ARG B 136 6.37 11.16 -32.02
CA ARG B 136 7.38 10.20 -31.57
C ARG B 136 7.79 9.23 -32.67
N GLN B 137 9.11 9.12 -32.85
CA GLN B 137 9.71 8.26 -33.86
C GLN B 137 9.36 6.79 -33.65
N THR B 138 9.46 6.33 -32.41
CA THR B 138 9.15 4.95 -32.11
C THR B 138 7.64 4.66 -32.20
N LEU B 139 6.83 5.60 -31.74
CA LEU B 139 5.38 5.44 -31.76
C LEU B 139 4.77 5.39 -33.17
N TYR B 140 5.55 5.79 -34.16
CA TYR B 140 5.08 5.80 -35.54
C TYR B 140 5.46 4.51 -36.30
N SER B 141 6.31 3.70 -35.68
CA SER B 141 6.78 2.44 -36.26
C SER B 141 5.68 1.41 -36.53
N SER B 142 5.99 0.42 -37.36
CA SER B 142 5.02 -0.61 -37.68
C SER B 142 4.64 -1.38 -36.43
N ASN B 143 5.60 -1.55 -35.52
CA ASN B 143 5.31 -2.25 -34.27
C ASN B 143 4.16 -1.58 -33.52
N PHE B 144 4.25 -0.26 -33.36
CA PHE B 144 3.19 0.42 -32.64
C PHE B 144 1.90 0.50 -33.44
N ARG B 145 2.01 0.53 -34.77
CA ARG B 145 0.81 0.58 -35.60
C ARG B 145 0.09 -0.76 -35.47
N ASN B 146 0.85 -1.86 -35.42
CA ASN B 146 0.24 -3.17 -35.25
C ASN B 146 -0.38 -3.19 -33.85
N LEU B 147 0.30 -2.55 -32.90
CA LEU B 147 -0.22 -2.49 -31.53
C LEU B 147 -1.53 -1.72 -31.51
N LEU B 148 -1.62 -0.65 -32.31
CA LEU B 148 -2.83 0.15 -32.37
C LEU B 148 -4.00 -0.69 -32.90
N ASN B 149 -3.75 -1.48 -33.94
CA ASN B 149 -4.82 -2.31 -34.50
C ASN B 149 -5.29 -3.40 -33.54
N ILE B 150 -4.39 -3.91 -32.71
CA ILE B 150 -4.76 -4.95 -31.74
C ILE B 150 -5.51 -4.37 -30.54
N PHE B 151 -5.10 -3.18 -30.08
CA PHE B 151 -5.75 -2.53 -28.95
C PHE B 151 -7.10 -1.93 -29.32
N GLY B 152 -7.16 -1.34 -30.51
CA GLY B 152 -8.37 -0.66 -30.92
C GLY B 152 -8.07 0.79 -30.57
N GLU B 153 -8.64 1.71 -31.34
CA GLU B 153 -8.43 3.14 -31.15
C GLU B 153 -8.54 3.66 -29.72
N GLU B 154 -9.69 3.45 -29.09
CA GLU B 154 -9.93 3.93 -27.73
C GLU B 154 -8.95 3.42 -26.68
N ASP B 155 -8.74 2.11 -26.63
CA ASP B 155 -7.82 1.54 -25.64
C ASP B 155 -6.37 1.98 -25.87
N PHE B 156 -5.98 2.13 -27.12
CA PHE B 156 -4.63 2.55 -27.43
C PHE B 156 -4.38 3.94 -26.87
N LYS B 157 -5.34 4.84 -27.08
CA LYS B 157 -5.20 6.20 -26.58
C LYS B 157 -4.99 6.20 -25.07
N TYR B 158 -5.78 5.42 -24.33
CA TYR B 158 -5.61 5.40 -22.88
C TYR B 158 -4.36 4.65 -22.45
N PHE B 159 -3.96 3.67 -23.24
CA PHE B 159 -2.76 2.87 -22.97
C PHE B 159 -1.52 3.76 -22.80
N LEU B 160 -1.38 4.75 -23.68
CA LEU B 160 -0.24 5.65 -23.64
C LEU B 160 -0.28 6.56 -22.41
N ILE B 161 -1.44 6.63 -21.77
CA ILE B 161 -1.61 7.44 -20.57
C ILE B 161 -1.47 6.62 -19.29
N ASP B 162 -2.14 5.48 -19.23
CA ASP B 162 -2.11 4.62 -18.04
C ASP B 162 -0.80 3.87 -17.81
N PHE B 163 0.02 3.75 -18.84
CA PHE B 163 1.25 3.00 -18.71
C PHE B 163 2.54 3.69 -19.05
N LEU B 164 3.59 3.30 -18.34
CA LEU B 164 4.93 3.78 -18.62
C LEU B 164 5.36 2.66 -19.58
N VAL B 165 5.76 3.03 -20.78
CA VAL B 165 6.15 2.04 -21.78
C VAL B 165 7.62 2.15 -22.14
N PHE B 166 8.35 1.06 -21.95
CA PHE B 166 9.77 1.01 -22.23
C PHE B 166 10.06 0.04 -23.37
N THR B 167 10.70 0.52 -24.42
CA THR B 167 11.00 -0.31 -25.57
C THR B 167 12.50 -0.52 -25.74
N LYS B 168 12.87 -1.70 -26.23
CA LYS B 168 14.26 -2.04 -26.46
C LYS B 168 14.70 -1.41 -27.78
N VAL B 169 15.61 -0.44 -27.72
CA VAL B 169 16.08 0.24 -28.91
C VAL B 169 17.29 -0.48 -29.51
N GLU B 170 18.13 -1.02 -28.64
CA GLU B 170 19.33 -1.74 -29.08
C GLU B 170 19.65 -2.80 -28.05
N GLN B 171 20.70 -3.58 -28.31
CA GLN B 171 21.11 -4.62 -27.39
C GLN B 171 21.16 -4.05 -25.97
N ASN B 172 20.26 -4.54 -25.13
CA ASN B 172 20.17 -4.09 -23.74
C ASN B 172 20.15 -2.56 -23.61
N GLY B 173 19.31 -1.93 -24.43
CA GLY B 173 19.18 -0.48 -24.39
C GLY B 173 17.71 -0.10 -24.43
N TYR B 174 17.17 0.29 -23.28
CA TYR B 174 15.76 0.67 -23.20
C TYR B 174 15.50 2.17 -23.14
N LEU B 175 14.37 2.56 -23.70
CA LEU B 175 13.93 3.95 -23.75
C LEU B 175 12.45 4.02 -23.40
N GLN B 176 12.06 5.00 -22.60
CA GLN B 176 10.65 5.15 -22.28
C GLN B 176 10.05 5.90 -23.46
N VAL B 177 8.96 5.39 -24.01
CA VAL B 177 8.33 6.04 -25.15
C VAL B 177 6.94 6.57 -24.87
N ALA B 178 6.39 6.26 -23.70
CA ALA B 178 5.07 6.76 -23.34
C ALA B 178 4.83 6.69 -21.84
N GLY B 179 3.82 7.43 -21.37
CA GLY B 179 3.49 7.44 -19.95
C GLY B 179 4.19 8.53 -19.16
N VAL B 180 3.88 8.61 -17.87
CA VAL B 180 4.49 9.57 -16.98
C VAL B 180 6.00 9.30 -16.91
N CYS B 181 6.81 10.32 -17.12
CA CYS B 181 8.27 10.17 -17.08
C CYS B 181 8.66 9.41 -15.82
N LEU B 182 9.47 8.37 -15.99
CA LEU B 182 9.90 7.55 -14.86
C LEU B 182 10.49 8.40 -13.73
N ASN B 183 11.29 9.39 -14.11
CA ASN B 183 11.94 10.28 -13.13
C ASN B 183 10.95 10.86 -12.13
N GLN B 184 9.71 11.08 -12.56
CA GLN B 184 8.67 11.63 -11.70
C GLN B 184 8.39 10.70 -10.51
N TYR B 185 8.56 9.40 -10.72
CA TYR B 185 8.33 8.45 -9.64
C TYR B 185 9.62 8.26 -8.86
N LYS B 194 9.83 27.89 9.70
CA LYS B 194 10.19 27.57 11.08
C LYS B 194 9.53 26.28 11.60
N TRP B 195 8.20 26.19 11.57
CA TRP B 195 7.53 24.98 12.05
C TRP B 195 6.12 24.82 11.49
N TYR B 196 5.54 23.64 11.66
CA TYR B 196 4.17 23.41 11.19
C TYR B 196 3.20 23.56 12.36
N LYS B 197 3.67 23.23 13.56
CA LYS B 197 2.86 23.31 14.76
C LYS B 197 3.75 23.53 15.98
N ASN B 198 3.34 24.43 16.86
CA ASN B 198 4.13 24.71 18.06
C ASN B 198 3.25 25.30 19.14
N ASN B 199 2.28 24.52 19.61
CA ASN B 199 1.38 25.00 20.66
C ASN B 199 1.94 24.61 22.03
N GLN C 20 3.74 0.70 7.93
CA GLN C 20 2.37 0.19 7.60
C GLN C 20 1.69 1.12 6.60
N MET C 21 2.12 1.03 5.33
CA MET C 21 1.56 1.85 4.24
C MET C 21 2.16 3.25 4.12
N LEU C 22 2.64 3.58 2.92
CA LEU C 22 3.20 4.89 2.67
C LEU C 22 2.06 5.89 2.65
N THR C 23 2.27 7.05 3.25
CA THR C 23 1.26 8.10 3.32
C THR C 23 1.69 9.32 2.52
N ARG C 24 0.72 10.05 1.98
CA ARG C 24 1.00 11.27 1.22
C ARG C 24 1.31 12.36 2.23
N LYS C 25 2.22 13.26 1.86
CA LYS C 25 2.61 14.35 2.76
C LYS C 25 1.44 15.16 3.30
N GLU C 26 0.57 15.66 2.41
CA GLU C 26 -0.55 16.46 2.87
C GLU C 26 -1.49 15.69 3.80
N ASP C 27 -1.55 14.37 3.65
CA ASP C 27 -2.41 13.57 4.52
C ASP C 27 -1.76 13.45 5.89
N LEU C 28 -0.45 13.23 5.90
CA LEU C 28 0.29 13.12 7.15
C LEU C 28 0.13 14.42 7.93
N LEU C 29 0.42 15.53 7.26
CA LEU C 29 0.30 16.84 7.89
C LEU C 29 -1.09 17.17 8.43
N THR C 30 -2.14 16.85 7.68
CA THR C 30 -3.48 17.17 8.17
C THR C 30 -3.77 16.33 9.42
N VAL C 31 -3.38 15.06 9.38
CA VAL C 31 -3.58 14.18 10.52
C VAL C 31 -2.80 14.71 11.72
N LEU C 32 -1.57 15.19 11.48
CA LEU C 32 -0.74 15.70 12.56
C LEU C 32 -1.26 17.00 13.18
N LYS C 33 -1.77 17.93 12.37
CA LYS C 33 -2.26 19.17 12.95
C LYS C 33 -3.54 18.96 13.75
N GLN C 34 -4.23 17.86 13.45
CA GLN C 34 -5.48 17.52 14.13
C GLN C 34 -5.28 16.91 15.52
N ILE C 35 -4.12 16.30 15.73
CA ILE C 35 -3.82 15.65 17.01
C ILE C 35 -3.35 16.66 18.04
N SER C 36 -4.25 17.06 18.92
CA SER C 36 -3.92 18.04 19.96
C SER C 36 -2.84 17.58 20.94
N ALA C 37 -2.67 16.27 21.09
CA ALA C 37 -1.66 15.76 22.01
C ALA C 37 -0.25 16.01 21.49
N LEU C 38 -0.13 16.21 20.17
CA LEU C 38 1.15 16.47 19.53
C LEU C 38 1.27 17.96 19.23
N LYS C 39 1.74 18.72 20.21
CA LYS C 39 1.86 20.17 20.07
C LYS C 39 3.03 20.64 19.18
N TYR C 40 4.01 19.79 18.97
CA TYR C 40 5.17 20.17 18.16
C TYR C 40 5.33 19.33 16.89
N VAL C 41 5.37 20.02 15.76
CA VAL C 41 5.55 19.39 14.47
C VAL C 41 6.46 20.30 13.64
N SER C 42 7.52 19.72 13.09
CA SER C 42 8.49 20.48 12.31
C SER C 42 9.24 19.56 11.37
N ASN C 43 9.98 20.10 10.41
CA ASN C 43 10.77 19.22 9.57
C ASN C 43 12.07 19.12 10.38
N LEU C 44 12.88 18.11 10.09
CA LEU C 44 14.10 17.92 10.87
C LEU C 44 15.12 19.04 10.78
N TYR C 45 15.30 19.59 9.59
CA TYR C 45 16.25 20.67 9.37
C TYR C 45 16.04 21.84 10.35
N GLU C 46 14.79 22.29 10.48
CA GLU C 46 14.49 23.42 11.36
C GLU C 46 14.72 23.09 12.82
N PHE C 47 14.49 21.83 13.20
CA PHE C 47 14.70 21.41 14.58
C PHE C 47 16.20 21.44 14.89
N LEU C 48 17.00 20.91 13.99
CA LEU C 48 18.45 20.89 14.19
C LEU C 48 19.01 22.31 14.29
N LEU C 49 18.36 23.23 13.59
CA LEU C 49 18.78 24.63 13.58
C LEU C 49 18.43 25.25 14.93
N ALA C 50 17.17 25.08 15.35
CA ALA C 50 16.69 25.62 16.62
C ALA C 50 17.50 25.11 17.80
N THR C 51 17.90 23.84 17.73
CA THR C 51 18.67 23.23 18.80
C THR C 51 20.15 23.57 18.65
N GLU C 52 20.48 24.24 17.56
CA GLU C 52 21.85 24.63 17.26
C GLU C 52 22.79 23.44 17.07
N LYS C 53 22.25 22.33 16.58
CA LYS C 53 23.08 21.17 16.31
C LYS C 53 23.84 21.48 15.01
N ILE C 54 23.24 22.31 14.17
CA ILE C 54 23.85 22.76 12.93
C ILE C 54 23.54 24.26 12.82
N VAL C 55 24.17 24.90 11.84
CA VAL C 55 23.94 26.32 11.60
C VAL C 55 23.77 26.50 10.11
N GLN C 56 23.22 27.64 9.72
CA GLN C 56 22.99 27.97 8.31
C GLN C 56 24.16 27.61 7.39
N THR C 57 25.38 27.91 7.83
CA THR C 57 26.56 27.63 7.01
C THR C 57 27.17 26.24 7.12
N SER C 58 26.56 25.35 7.91
CA SER C 58 27.11 24.00 8.04
C SER C 58 27.23 23.31 6.68
N GLU C 59 28.35 22.60 6.50
CA GLU C 59 28.61 21.86 5.26
C GLU C 59 27.69 20.66 5.17
N LEU C 60 26.73 20.70 4.26
CA LEU C 60 25.81 19.59 4.12
C LEU C 60 25.62 19.13 2.68
N ASP C 61 25.77 17.82 2.48
CA ASP C 61 25.59 17.20 1.17
C ASP C 61 24.15 17.49 0.74
N THR C 62 23.90 17.60 -0.56
CA THR C 62 22.56 17.87 -1.06
C THR C 62 21.55 16.76 -0.72
N GLN C 63 22.01 15.52 -0.73
CA GLN C 63 21.13 14.41 -0.40
C GLN C 63 20.69 14.52 1.06
N PHE C 64 21.68 14.67 1.94
CA PHE C 64 21.43 14.77 3.36
C PHE C 64 20.59 16.01 3.68
N GLN C 65 20.86 17.11 2.98
CA GLN C 65 20.14 18.35 3.21
C GLN C 65 18.68 18.17 2.78
N GLU C 66 18.46 17.39 1.72
CA GLU C 66 17.12 17.15 1.23
C GLU C 66 16.42 16.20 2.21
N PHE C 67 17.21 15.36 2.87
CA PHE C 67 16.68 14.43 3.84
C PHE C 67 16.19 15.20 5.06
N LEU C 68 16.98 16.18 5.49
CA LEU C 68 16.63 17.00 6.66
C LEU C 68 15.36 17.83 6.47
N THR C 69 15.22 18.44 5.30
CA THR C 69 14.05 19.27 5.04
C THR C 69 12.76 18.48 4.74
N THR C 70 12.89 17.26 4.20
CA THR C 70 11.69 16.47 3.91
C THR C 70 11.25 15.60 5.09
N THR C 71 12.16 15.30 6.00
CA THR C 71 11.81 14.50 7.16
C THR C 71 10.97 15.31 8.14
N ILE C 72 9.85 14.74 8.55
CA ILE C 72 8.94 15.40 9.47
C ILE C 72 8.98 14.72 10.83
N ILE C 73 9.03 15.53 11.88
CA ILE C 73 9.06 15.00 13.22
C ILE C 73 7.99 15.67 14.06
N ALA C 74 7.53 14.94 15.07
CA ALA C 74 6.48 15.45 15.96
C ALA C 74 6.71 14.92 17.36
N SER C 75 6.40 15.75 18.35
CA SER C 75 6.53 15.36 19.75
C SER C 75 5.38 16.00 20.52
N GLU C 76 5.08 15.47 21.69
CA GLU C 76 3.98 16.00 22.48
C GLU C 76 4.27 17.41 22.97
N GLN C 77 5.50 17.66 23.37
CA GLN C 77 5.92 18.97 23.88
C GLN C 77 7.08 19.51 23.05
N ASN C 78 7.40 20.78 23.22
CA ASN C 78 8.52 21.40 22.51
C ASN C 78 9.74 21.05 23.34
N LEU C 79 10.62 20.22 22.77
CA LEU C 79 11.82 19.77 23.47
C LEU C 79 13.12 20.42 22.98
N VAL C 80 13.01 21.53 22.25
CA VAL C 80 14.19 22.20 21.75
C VAL C 80 15.24 22.44 22.83
N GLU C 81 14.84 23.05 23.94
CA GLU C 81 15.78 23.32 25.03
C GLU C 81 16.44 22.06 25.55
N ASN C 82 15.70 20.96 25.53
CA ASN C 82 16.20 19.67 25.98
C ASN C 82 17.30 19.15 25.07
N TYR C 83 17.21 19.48 23.78
CA TYR C 83 18.22 19.02 22.83
C TYR C 83 19.27 20.03 22.45
N LYS C 84 19.28 21.18 23.12
CA LYS C 84 20.26 22.24 22.82
C LYS C 84 21.68 21.69 22.86
N GLN C 85 22.47 22.03 21.84
CA GLN C 85 23.85 21.59 21.77
C GLN C 85 23.97 20.10 22.03
N MET C 95 30.74 3.62 18.74
CA MET C 95 29.35 3.17 18.80
C MET C 95 28.72 3.05 17.41
N THR C 96 28.18 1.87 17.12
CA THR C 96 27.53 1.61 15.84
C THR C 96 26.07 2.04 15.90
N ILE C 97 25.50 2.42 14.76
CA ILE C 97 24.11 2.82 14.70
C ILE C 97 23.23 1.69 15.23
N LYS C 98 23.63 0.46 14.93
CA LYS C 98 22.89 -0.71 15.39
C LYS C 98 22.84 -0.74 16.92
N GLN C 99 24.00 -0.54 17.55
CA GLN C 99 24.13 -0.53 19.00
C GLN C 99 23.33 0.57 19.67
N VAL C 100 23.41 1.77 19.09
CA VAL C 100 22.69 2.91 19.64
C VAL C 100 21.17 2.66 19.60
N ILE C 101 20.71 2.07 18.50
CA ILE C 101 19.29 1.78 18.33
C ILE C 101 18.85 0.72 19.34
N ASP C 102 19.69 -0.30 19.53
CA ASP C 102 19.36 -1.35 20.49
C ASP C 102 19.21 -0.73 21.87
N ASP C 103 20.18 0.12 22.25
CA ASP C 103 20.12 0.77 23.56
C ASP C 103 18.87 1.62 23.68
N SER C 104 18.53 2.30 22.59
CA SER C 104 17.34 3.14 22.58
C SER C 104 16.11 2.27 22.89
N ILE C 105 16.03 1.11 22.26
CA ILE C 105 14.91 0.21 22.46
C ILE C 105 14.86 -0.32 23.88
N ILE C 106 16.04 -0.56 24.47
CA ILE C 106 16.12 -1.05 25.83
C ILE C 106 15.58 0.04 26.79
N LEU C 107 15.87 1.29 26.49
CA LEU C 107 15.38 2.38 27.31
C LEU C 107 13.86 2.44 27.35
N LEU C 108 13.21 1.86 26.34
CA LEU C 108 11.75 1.88 26.30
C LEU C 108 11.12 1.15 27.48
N GLY C 109 11.88 0.25 28.09
CA GLY C 109 11.36 -0.49 29.23
C GLY C 109 10.20 -1.41 28.87
N LYS C 111 7.26 -0.23 28.08
CA LYS C 111 6.40 0.51 27.16
C LYS C 111 6.28 -0.24 25.84
N GLN C 112 5.20 0.00 25.11
CA GLN C 112 5.00 -0.66 23.84
C GLN C 112 4.42 0.28 22.80
N ASN C 113 4.33 -0.24 21.58
CA ASN C 113 3.75 0.49 20.45
C ASN C 113 4.67 1.50 19.76
N TYR C 114 5.97 1.27 19.84
CA TYR C 114 6.92 2.16 19.15
C TYR C 114 7.30 1.44 17.84
N VAL C 115 7.42 2.21 16.77
CA VAL C 115 7.75 1.64 15.48
C VAL C 115 9.01 0.78 15.53
N GLN C 116 10.04 1.25 16.22
CA GLN C 116 11.29 0.52 16.32
C GLN C 116 11.17 -0.83 17.05
N GLN C 117 10.07 -1.05 17.77
CA GLN C 117 9.89 -2.33 18.47
C GLN C 117 9.25 -3.42 17.61
N ILE C 118 8.58 -3.02 16.53
CA ILE C 118 7.91 -3.98 15.65
C ILE C 118 8.78 -5.15 15.21
N GLY C 119 8.28 -6.36 15.42
CA GLY C 119 9.02 -7.57 15.06
C GLY C 119 10.28 -7.68 15.89
N THR C 120 10.17 -7.27 17.15
CA THR C 120 11.30 -7.27 18.06
C THR C 120 10.96 -7.89 19.42
N THR C 121 11.94 -8.55 20.01
CA THR C 121 11.77 -9.16 21.32
C THR C 121 12.94 -8.69 22.18
N THR C 122 12.63 -8.12 23.33
CA THR C 122 13.67 -7.62 24.21
C THR C 122 13.78 -8.42 25.51
N ILE C 123 15.01 -8.85 25.81
CA ILE C 123 15.30 -9.62 27.00
C ILE C 123 16.54 -9.01 27.64
N GLY C 124 16.35 -8.27 28.73
CA GLY C 124 17.47 -7.63 29.38
C GLY C 124 18.14 -6.67 28.41
N PHE C 125 19.46 -6.77 28.27
CA PHE C 125 20.20 -5.90 27.36
C PHE C 125 20.25 -6.41 25.93
N TYR C 126 19.46 -7.43 25.62
CA TYR C 126 19.48 -7.96 24.27
C TYR C 126 18.18 -7.73 23.50
N VAL C 127 18.33 -7.51 22.20
CA VAL C 127 17.21 -7.29 21.31
C VAL C 127 17.42 -8.21 20.11
N GLU C 128 16.41 -9.01 19.78
CA GLU C 128 16.54 -9.92 18.63
C GLU C 128 15.36 -9.78 17.68
N TYR C 129 15.55 -10.27 16.45
CA TYR C 129 14.50 -10.19 15.43
C TYR C 129 14.87 -10.98 14.17
N ARG C 136 16.09 -1.70 11.84
CA ARG C 136 15.38 -0.93 10.82
C ARG C 136 16.25 -0.59 9.62
N GLN C 137 15.71 -0.87 8.43
CA GLN C 137 16.40 -0.64 7.17
C GLN C 137 16.72 0.82 6.96
N THR C 138 15.75 1.70 7.24
CA THR C 138 15.98 3.12 7.05
C THR C 138 16.91 3.70 8.10
N LEU C 139 16.79 3.23 9.34
CA LEU C 139 17.62 3.73 10.43
C LEU C 139 19.10 3.36 10.30
N TYR C 140 19.40 2.41 9.41
CA TYR C 140 20.78 1.99 9.20
C TYR C 140 21.46 2.75 8.06
N SER C 141 20.68 3.53 7.32
CA SER C 141 21.18 4.31 6.19
C SER C 141 22.20 5.38 6.56
N SER C 142 22.93 5.87 5.55
CA SER C 142 23.93 6.89 5.78
C SER C 142 23.26 8.15 6.31
N ASN C 143 22.04 8.43 5.87
CA ASN C 143 21.33 9.61 6.34
C ASN C 143 21.19 9.57 7.86
N PHE C 144 20.72 8.45 8.40
CA PHE C 144 20.58 8.37 9.84
C PHE C 144 21.91 8.26 10.57
N ARG C 145 22.92 7.72 9.90
CA ARG C 145 24.22 7.63 10.54
C ARG C 145 24.80 9.04 10.66
N ASN C 146 24.59 9.86 9.63
CA ASN C 146 25.05 11.24 9.67
C ASN C 146 24.24 11.94 10.77
N LEU C 147 22.96 11.59 10.87
CA LEU C 147 22.11 12.18 11.90
C LEU C 147 22.64 11.81 13.28
N LEU C 148 23.09 10.57 13.43
CA LEU C 148 23.62 10.12 14.71
C LEU C 148 24.87 10.94 15.10
N ASN C 149 25.76 11.19 14.13
CA ASN C 149 26.97 11.95 14.43
C ASN C 149 26.67 13.41 14.78
N ILE C 150 25.61 13.97 14.20
CA ILE C 150 25.24 15.35 14.50
C ILE C 150 24.54 15.50 15.86
N PHE C 151 23.71 14.51 16.20
CA PHE C 151 22.98 14.51 17.47
C PHE C 151 23.88 14.16 18.65
N GLY C 152 24.76 13.18 18.41
CA GLY C 152 25.60 12.70 19.48
C GLY C 152 24.86 11.46 19.97
N GLU C 153 25.59 10.50 20.49
CA GLU C 153 25.03 9.24 20.97
C GLU C 153 23.80 9.36 21.89
N GLU C 154 23.95 10.06 23.01
CA GLU C 154 22.86 10.21 23.97
C GLU C 154 21.58 10.85 23.41
N ASP C 155 21.70 12.00 22.77
CA ASP C 155 20.53 12.67 22.22
C ASP C 155 19.85 11.85 21.11
N PHE C 156 20.64 11.14 20.31
CA PHE C 156 20.07 10.32 19.26
C PHE C 156 19.17 9.23 19.87
N LYS C 157 19.68 8.56 20.89
CA LYS C 157 18.91 7.51 21.55
C LYS C 157 17.56 8.03 22.04
N TYR C 158 17.55 9.21 22.66
CA TYR C 158 16.28 9.76 23.15
C TYR C 158 15.41 10.31 22.03
N PHE C 159 16.05 10.78 20.97
CA PHE C 159 15.36 11.32 19.81
C PHE C 159 14.37 10.30 19.25
N LEU C 160 14.82 9.05 19.11
CA LEU C 160 13.97 7.99 18.57
C LEU C 160 12.80 7.66 19.50
N ILE C 161 12.88 8.14 20.73
CA ILE C 161 11.82 7.91 21.71
C ILE C 161 10.87 9.10 21.83
N ASP C 162 11.42 10.29 21.94
CA ASP C 162 10.61 11.51 22.08
C ASP C 162 9.89 11.96 20.81
N PHE C 163 10.30 11.47 19.65
CA PHE C 163 9.69 11.91 18.42
C PHE C 163 9.12 10.84 17.49
N LEU C 164 8.06 11.23 16.79
CA LEU C 164 7.48 10.37 15.78
C LEU C 164 8.25 10.90 14.57
N VAL C 165 8.96 10.03 13.86
CA VAL C 165 9.77 10.44 12.73
C VAL C 165 9.26 9.83 11.44
N PHE C 166 8.95 10.71 10.49
CA PHE C 166 8.43 10.31 9.21
C PHE C 166 9.41 10.68 8.10
N THR C 167 9.81 9.69 7.32
CA THR C 167 10.77 9.91 6.25
C THR C 167 10.16 9.67 4.88
N LYS C 168 10.62 10.45 3.91
CA LYS C 168 10.11 10.33 2.55
C LYS C 168 10.83 9.16 1.89
N VAL C 169 10.08 8.10 1.57
CA VAL C 169 10.65 6.92 0.93
C VAL C 169 10.64 7.05 -0.59
N GLU C 170 9.59 7.67 -1.12
CA GLU C 170 9.46 7.85 -2.56
C GLU C 170 8.67 9.13 -2.82
N GLN C 171 8.48 9.47 -4.09
CA GLN C 171 7.73 10.67 -4.43
C GLN C 171 6.42 10.69 -3.64
N ASN C 172 6.32 11.66 -2.74
CA ASN C 172 5.15 11.82 -1.90
C ASN C 172 4.73 10.51 -1.23
N GLY C 173 5.71 9.83 -0.64
CA GLY C 173 5.45 8.59 0.05
C GLY C 173 6.19 8.59 1.39
N TYR C 174 5.46 8.81 2.48
CA TYR C 174 6.07 8.82 3.79
C TYR C 174 5.85 7.57 4.62
N LEU C 175 6.82 7.28 5.46
CA LEU C 175 6.80 6.13 6.35
C LEU C 175 7.29 6.55 7.74
N GLN C 176 6.65 6.07 8.79
CA GLN C 176 7.11 6.40 10.12
C GLN C 176 8.24 5.41 10.41
N VAL C 177 9.37 5.90 10.88
CA VAL C 177 10.51 5.03 11.15
C VAL C 177 10.91 4.97 12.61
N ALA C 178 10.33 5.86 13.43
CA ALA C 178 10.63 5.86 14.85
C ALA C 178 9.56 6.57 15.66
N GLY C 179 9.54 6.30 16.96
CA GLY C 179 8.57 6.92 17.84
C GLY C 179 7.30 6.10 18.04
N VAL C 180 6.41 6.61 18.89
CA VAL C 180 5.14 5.94 19.16
C VAL C 180 4.35 5.86 17.86
N CYS C 181 3.87 4.67 17.50
CA CYS C 181 3.08 4.49 16.28
C CYS C 181 1.99 5.56 16.21
N LEU C 182 1.92 6.24 15.08
CA LEU C 182 0.93 7.29 14.88
C LEU C 182 -0.49 6.84 15.23
N ASN C 183 -0.83 5.63 14.81
CA ASN C 183 -2.15 5.06 15.05
C ASN C 183 -2.57 5.16 16.52
N GLN C 184 -1.60 5.07 17.42
CA GLN C 184 -1.86 5.17 18.86
C GLN C 184 -2.48 6.51 19.22
N TYR C 185 -2.12 7.55 18.48
CA TYR C 185 -2.68 8.88 18.76
C TYR C 185 -3.98 9.04 17.97
N LYS C 193 -15.63 2.81 29.04
CA LYS C 193 -14.49 2.92 29.95
C LYS C 193 -14.73 3.99 31.02
N LYS C 194 -15.33 3.58 32.13
CA LYS C 194 -15.61 4.48 33.24
C LYS C 194 -14.91 3.97 34.49
N TRP C 195 -14.55 4.89 35.36
CA TRP C 195 -13.88 4.55 36.62
C TRP C 195 -14.05 5.75 37.53
N TYR C 196 -14.02 5.50 38.84
CA TYR C 196 -14.15 6.55 39.83
C TYR C 196 -12.82 7.27 40.00
N LYS C 197 -11.73 6.52 39.89
CA LYS C 197 -10.39 7.10 40.01
C LYS C 197 -9.37 6.26 39.24
N ASN C 198 -8.48 6.92 38.51
CA ASN C 198 -7.45 6.21 37.76
C ASN C 198 -6.20 7.06 37.63
N ASN C 199 -5.45 7.17 38.71
CA ASN C 199 -4.23 7.97 38.72
C ASN C 199 -2.99 7.16 38.40
#